data_2EKN
#
_entry.id   2EKN
#
_cell.length_a   119.910
_cell.length_b   119.910
_cell.length_c   63.960
_cell.angle_alpha   90.00
_cell.angle_beta   90.00
_cell.angle_gamma   120.00
#
_symmetry.space_group_name_H-M   'P 31 2 1'
#
loop_
_entity.id
_entity.type
_entity.pdbx_description
1 polymer 'Probable molybdenum cofactor biosynthesis protein C'
2 non-polymer 'CITRATE ANION'
3 water water
#
_entity_poly.entity_id   1
_entity_poly.type   'polypeptide(L)'
_entity_poly.pdbx_seq_one_letter_code
;MVGGLTHVDEKGVKMVEIGYKDVVFRKAVAKGRIKLKPETVKLIKEGKIEKGNVLATAQIAGILAVKRTPELIPLCHPIP
ITGVDITFDFGEDYIEVTCEVRAYYKTGVEMEALTGVTVALLAIWDMVKAVEKDEKGQYPYTRIENVHVVEKVKTHNSQ
;
_entity_poly.pdbx_strand_id   A,B,C
#
# COMPACT_ATOMS: atom_id res chain seq x y z
N GLY A 12 -3.66 16.60 3.08
CA GLY A 12 -4.86 15.72 3.27
C GLY A 12 -5.13 14.78 2.10
N VAL A 13 -5.98 13.79 2.32
CA VAL A 13 -6.34 12.82 1.30
C VAL A 13 -7.86 12.66 1.25
N LYS A 14 -8.38 12.29 0.09
CA LYS A 14 -9.82 12.13 -0.06
C LYS A 14 -10.17 10.88 -0.87
N MET A 15 -10.64 9.84 -0.18
CA MET A 15 -11.02 8.60 -0.84
C MET A 15 -12.24 8.88 -1.72
N VAL A 16 -12.39 8.10 -2.78
CA VAL A 16 -13.49 8.28 -3.71
C VAL A 16 -14.71 7.41 -3.37
N GLU A 17 -15.88 8.04 -3.31
CA GLU A 17 -17.13 7.35 -3.02
C GLU A 17 -17.55 6.56 -4.27
N ILE A 18 -17.98 5.32 -4.07
CA ILE A 18 -18.39 4.49 -5.21
C ILE A 18 -19.75 3.82 -5.03
N GLY A 19 -20.34 3.96 -3.86
CA GLY A 19 -21.62 3.33 -3.57
C GLY A 19 -22.77 3.49 -4.55
N TYR A 20 -22.89 4.66 -5.15
CA TYR A 20 -23.99 4.92 -6.08
C TYR A 20 -23.76 4.40 -7.49
N LYS A 21 -22.54 3.98 -7.80
CA LYS A 21 -22.24 3.48 -9.14
C LYS A 21 -22.87 2.12 -9.43
N ASP A 22 -23.05 1.81 -10.71
CA ASP A 22 -23.65 0.54 -11.09
C ASP A 22 -22.67 -0.61 -10.98
N VAL A 23 -23.21 -1.80 -10.74
CA VAL A 23 -22.41 -3.00 -10.64
C VAL A 23 -22.29 -3.50 -12.08
N VAL A 24 -21.08 -3.48 -12.61
CA VAL A 24 -20.86 -3.92 -13.98
C VAL A 24 -19.66 -4.83 -14.03
N PHE A 25 -19.54 -5.59 -15.11
CA PHE A 25 -18.42 -6.49 -15.27
C PHE A 25 -17.18 -5.64 -15.50
N ARG A 26 -16.11 -5.97 -14.79
CA ARG A 26 -14.86 -5.23 -14.89
C ARG A 26 -13.68 -6.19 -15.06
N LYS A 27 -12.81 -5.87 -16.00
CA LYS A 27 -11.64 -6.69 -16.24
C LYS A 27 -10.46 -5.77 -16.50
N ALA A 28 -9.32 -6.11 -15.92
CA ALA A 28 -8.08 -5.36 -16.11
C ALA A 28 -6.96 -6.34 -16.35
N VAL A 29 -6.09 -5.99 -17.29
CA VAL A 29 -4.95 -6.83 -17.63
C VAL A 29 -3.72 -5.95 -17.51
N ALA A 30 -2.76 -6.39 -16.70
CA ALA A 30 -1.52 -5.66 -16.53
C ALA A 30 -0.36 -6.58 -16.87
N LYS A 31 0.74 -5.99 -17.34
CA LYS A 31 1.92 -6.75 -17.69
C LYS A 31 3.15 -6.04 -17.13
N GLY A 32 4.21 -6.81 -16.92
CA GLY A 32 5.45 -6.25 -16.42
C GLY A 32 6.50 -7.30 -16.64
N ARG A 33 7.77 -6.92 -16.62
CA ARG A 33 8.81 -7.92 -16.82
C ARG A 33 10.00 -7.72 -15.91
N ILE A 34 10.73 -8.80 -15.68
CA ILE A 34 11.92 -8.73 -14.86
C ILE A 34 13.09 -9.16 -15.74
N LYS A 35 14.08 -8.30 -15.86
CA LYS A 35 15.27 -8.58 -16.65
C LYS A 35 16.17 -9.49 -15.81
N LEU A 36 16.66 -10.55 -16.43
CA LEU A 36 17.51 -11.54 -15.75
C LEU A 36 18.66 -12.00 -16.63
N LYS A 37 19.63 -12.67 -16.02
CA LYS A 37 20.75 -13.21 -16.79
C LYS A 37 20.13 -14.29 -17.66
N PRO A 38 20.69 -14.50 -18.86
CA PRO A 38 20.14 -15.55 -19.73
C PRO A 38 20.18 -16.93 -19.07
N GLU A 39 21.26 -17.22 -18.38
CA GLU A 39 21.41 -18.52 -17.71
C GLU A 39 20.32 -18.71 -16.66
N THR A 40 19.97 -17.64 -15.96
CA THR A 40 18.93 -17.71 -14.93
C THR A 40 17.61 -18.07 -15.61
N VAL A 41 17.32 -17.40 -16.72
CA VAL A 41 16.10 -17.65 -17.46
C VAL A 41 16.03 -19.13 -17.84
N LYS A 42 17.17 -19.67 -18.27
CA LYS A 42 17.25 -21.08 -18.65
C LYS A 42 16.99 -21.97 -17.43
N LEU A 43 17.70 -21.69 -16.34
CA LEU A 43 17.56 -22.46 -15.11
C LEU A 43 16.10 -22.53 -14.68
N ILE A 44 15.43 -21.37 -14.70
CA ILE A 44 14.03 -21.30 -14.31
C ILE A 44 13.20 -22.12 -15.28
N LYS A 45 13.43 -21.89 -16.57
CA LYS A 45 12.70 -22.57 -17.63
C LYS A 45 12.82 -24.09 -17.50
N GLU A 46 13.95 -24.56 -16.99
CA GLU A 46 14.18 -26.00 -16.83
C GLU A 46 13.84 -26.47 -15.42
N GLY A 47 13.47 -25.53 -14.55
CA GLY A 47 13.14 -25.89 -13.19
C GLY A 47 14.35 -26.38 -12.41
N LYS A 48 15.47 -25.68 -12.56
CA LYS A 48 16.69 -26.06 -11.86
C LYS A 48 17.10 -25.07 -10.79
N ILE A 49 16.17 -24.23 -10.34
CA ILE A 49 16.46 -23.26 -9.30
C ILE A 49 16.29 -23.98 -7.96
N GLU A 50 17.39 -24.15 -7.25
CA GLU A 50 17.40 -24.83 -5.96
C GLU A 50 16.34 -24.34 -4.98
N LYS A 51 16.25 -23.02 -4.82
CA LYS A 51 15.30 -22.42 -3.89
C LYS A 51 13.85 -22.88 -4.05
N GLY A 52 13.47 -23.31 -5.25
CA GLY A 52 12.11 -23.78 -5.45
C GLY A 52 11.49 -23.57 -6.82
N ASN A 53 10.19 -23.85 -6.91
CA ASN A 53 9.43 -23.69 -8.16
C ASN A 53 9.15 -22.19 -8.33
N VAL A 54 10.01 -21.54 -9.12
CA VAL A 54 9.90 -20.11 -9.37
C VAL A 54 8.54 -19.63 -9.86
N LEU A 55 8.07 -20.19 -10.98
CA LEU A 55 6.81 -19.75 -11.55
C LEU A 55 5.57 -20.01 -10.70
N ALA A 56 5.51 -21.15 -10.03
CA ALA A 56 4.35 -21.45 -9.19
C ALA A 56 4.34 -20.49 -8.00
N THR A 57 5.52 -20.23 -7.44
CA THR A 57 5.62 -19.34 -6.30
C THR A 57 5.15 -17.93 -6.68
N ALA A 58 5.57 -17.47 -7.88
CA ALA A 58 5.19 -16.14 -8.36
C ALA A 58 3.69 -16.01 -8.61
N GLN A 59 3.07 -17.07 -9.15
CA GLN A 59 1.64 -17.05 -9.42
C GLN A 59 0.86 -16.95 -8.11
N ILE A 60 1.26 -17.73 -7.12
CA ILE A 60 0.58 -17.73 -5.82
C ILE A 60 0.76 -16.37 -5.14
N ALA A 61 1.98 -15.84 -5.20
CA ALA A 61 2.27 -14.56 -4.58
C ALA A 61 1.44 -13.46 -5.24
N GLY A 62 1.34 -13.51 -6.56
CA GLY A 62 0.57 -12.51 -7.28
C GLY A 62 -0.92 -12.60 -7.00
N ILE A 63 -1.45 -13.83 -6.97
CA ILE A 63 -2.88 -14.01 -6.71
C ILE A 63 -3.23 -13.53 -5.30
N LEU A 64 -2.39 -13.88 -4.33
CA LEU A 64 -2.63 -13.44 -2.96
C LEU A 64 -2.54 -11.92 -2.89
N ALA A 65 -1.57 -11.35 -3.60
CA ALA A 65 -1.35 -9.91 -3.61
C ALA A 65 -2.57 -9.16 -4.16
N VAL A 66 -3.23 -9.73 -5.15
CA VAL A 66 -4.43 -9.09 -5.72
C VAL A 66 -5.46 -8.89 -4.62
N LYS A 67 -5.64 -9.91 -3.79
CA LYS A 67 -6.61 -9.83 -2.70
C LYS A 67 -6.18 -8.92 -1.56
N ARG A 68 -4.91 -8.55 -1.51
CA ARG A 68 -4.43 -7.67 -0.45
C ARG A 68 -4.28 -6.22 -0.92
N THR A 69 -4.66 -5.95 -2.17
CA THR A 69 -4.53 -4.61 -2.71
C THR A 69 -5.13 -3.51 -1.81
N PRO A 70 -6.35 -3.70 -1.30
CA PRO A 70 -6.94 -2.67 -0.44
C PRO A 70 -6.18 -2.42 0.88
N GLU A 71 -5.36 -3.38 1.30
CA GLU A 71 -4.58 -3.23 2.52
C GLU A 71 -3.30 -2.46 2.20
N LEU A 72 -2.80 -2.65 0.98
CA LEU A 72 -1.56 -2.04 0.53
C LEU A 72 -1.69 -0.63 -0.06
N ILE A 73 -2.72 -0.42 -0.88
CA ILE A 73 -2.95 0.88 -1.50
C ILE A 73 -4.01 1.57 -0.66
N PRO A 74 -3.60 2.57 0.14
CA PRO A 74 -4.46 3.35 1.03
C PRO A 74 -5.88 3.67 0.61
N LEU A 75 -6.07 4.19 -0.59
CA LEU A 75 -7.41 4.57 -1.01
C LEU A 75 -8.15 3.59 -1.91
N CYS A 76 -7.70 2.35 -1.97
CA CYS A 76 -8.41 1.35 -2.78
C CYS A 76 -9.55 0.78 -1.94
N HIS A 77 -10.59 0.30 -2.61
CA HIS A 77 -11.75 -0.26 -1.91
C HIS A 77 -11.72 -1.77 -1.88
N PRO A 78 -12.42 -2.37 -0.91
CA PRO A 78 -12.46 -3.84 -0.85
C PRO A 78 -13.37 -4.23 -2.03
N ILE A 79 -12.94 -5.20 -2.82
CA ILE A 79 -13.70 -5.62 -4.00
C ILE A 79 -13.90 -7.12 -4.04
N PRO A 80 -15.11 -7.56 -4.40
CA PRO A 80 -15.38 -9.01 -4.47
C PRO A 80 -14.81 -9.58 -5.77
N ILE A 81 -13.48 -9.76 -5.80
CA ILE A 81 -12.78 -10.30 -6.97
C ILE A 81 -13.36 -11.67 -7.32
N THR A 82 -13.68 -11.88 -8.59
CA THR A 82 -14.25 -13.15 -9.02
C THR A 82 -13.29 -14.05 -9.79
N GLY A 83 -12.15 -13.49 -10.22
CA GLY A 83 -11.19 -14.28 -10.96
C GLY A 83 -9.84 -13.60 -11.17
N VAL A 84 -8.79 -14.40 -11.17
CA VAL A 84 -7.43 -13.90 -11.36
C VAL A 84 -6.63 -14.94 -12.12
N ASP A 85 -5.95 -14.50 -13.18
CA ASP A 85 -5.12 -15.37 -13.99
C ASP A 85 -3.74 -14.73 -14.10
N ILE A 86 -2.70 -15.50 -13.81
CA ILE A 86 -1.34 -15.00 -13.93
C ILE A 86 -0.59 -15.96 -14.82
N THR A 87 -0.04 -15.43 -15.91
CA THR A 87 0.69 -16.23 -16.88
C THR A 87 2.07 -15.64 -17.16
N PHE A 88 2.93 -16.44 -17.77
CA PHE A 88 4.30 -16.03 -18.08
C PHE A 88 4.70 -16.19 -19.53
N ASP A 89 5.64 -15.34 -19.95
CA ASP A 89 6.21 -15.38 -21.30
C ASP A 89 7.71 -15.28 -21.10
N PHE A 90 8.45 -16.16 -21.76
CA PHE A 90 9.90 -16.19 -21.65
C PHE A 90 10.63 -15.44 -22.75
N GLY A 91 11.62 -14.65 -22.34
CA GLY A 91 12.43 -13.91 -23.29
C GLY A 91 13.84 -14.45 -23.14
N GLU A 92 14.77 -13.99 -23.96
CA GLU A 92 16.14 -14.46 -23.88
C GLU A 92 16.77 -14.05 -22.55
N ASP A 93 16.45 -12.83 -22.10
CA ASP A 93 16.99 -12.32 -20.86
C ASP A 93 15.93 -11.67 -19.98
N TYR A 94 14.72 -12.23 -19.99
CA TYR A 94 13.64 -11.69 -19.17
C TYR A 94 12.46 -12.64 -19.12
N ILE A 95 11.57 -12.38 -18.17
CA ILE A 95 10.35 -13.15 -18.00
C ILE A 95 9.25 -12.09 -17.87
N GLU A 96 8.22 -12.21 -18.71
CA GLU A 96 7.14 -11.26 -18.65
C GLU A 96 5.94 -11.89 -17.98
N VAL A 97 5.40 -11.18 -16.99
CA VAL A 97 4.25 -11.67 -16.25
C VAL A 97 3.02 -10.87 -16.65
N THR A 98 1.90 -11.58 -16.82
CA THR A 98 0.64 -10.97 -17.17
C THR A 98 -0.36 -11.33 -16.08
N CYS A 99 -1.06 -10.33 -15.56
CA CYS A 99 -2.05 -10.57 -14.52
C CYS A 99 -3.40 -10.02 -14.96
N GLU A 100 -4.39 -10.90 -15.06
CA GLU A 100 -5.73 -10.49 -15.44
C GLU A 100 -6.63 -10.66 -14.23
N VAL A 101 -7.30 -9.58 -13.84
CA VAL A 101 -8.22 -9.59 -12.72
C VAL A 101 -9.62 -9.27 -13.21
N ARG A 102 -10.61 -9.93 -12.63
CA ARG A 102 -11.99 -9.70 -13.02
C ARG A 102 -12.89 -9.57 -11.80
N ALA A 103 -14.01 -8.88 -11.97
CA ALA A 103 -14.97 -8.69 -10.90
C ALA A 103 -16.24 -8.05 -11.46
N TYR A 104 -17.32 -8.15 -10.69
CA TYR A 104 -18.59 -7.51 -11.07
C TYR A 104 -18.77 -6.50 -9.95
N TYR A 105 -18.36 -5.27 -10.19
CA TYR A 105 -18.45 -4.29 -9.13
C TYR A 105 -18.57 -2.84 -9.57
N LYS A 106 -18.46 -1.94 -8.60
CA LYS A 106 -18.60 -0.50 -8.81
C LYS A 106 -17.30 0.28 -9.02
N THR A 107 -16.19 -0.43 -9.09
CA THR A 107 -14.93 0.23 -9.41
C THR A 107 -13.87 -0.77 -9.88
N GLY A 108 -13.14 -0.32 -10.92
CA GLY A 108 -12.37 -1.23 -11.74
C GLY A 108 -11.20 -1.87 -10.99
N VAL A 109 -10.58 -2.86 -11.87
CA VAL A 109 -9.62 -3.59 -11.11
C VAL A 109 -8.15 -3.46 -11.53
N GLU A 110 -7.91 -2.35 -12.25
CA GLU A 110 -6.55 -2.12 -12.69
C GLU A 110 -5.45 -2.01 -11.62
N MET A 111 -5.77 -1.45 -10.45
CA MET A 111 -4.77 -1.37 -9.40
C MET A 111 -4.52 -2.78 -8.85
N GLU A 112 -5.56 -3.60 -8.84
CA GLU A 112 -5.44 -4.97 -8.37
C GLU A 112 -4.57 -5.76 -9.35
N ALA A 113 -4.75 -5.50 -10.64
CA ALA A 113 -3.96 -6.19 -11.66
C ALA A 113 -2.49 -5.79 -11.58
N LEU A 114 -2.23 -4.50 -11.38
CA LEU A 114 -0.86 -4.00 -11.28
C LEU A 114 -0.15 -4.57 -10.04
N THR A 115 -0.89 -4.66 -8.94
CA THR A 115 -0.36 -5.18 -7.69
C THR A 115 0.02 -6.66 -7.87
N GLY A 116 -0.86 -7.42 -8.51
CA GLY A 116 -0.58 -8.83 -8.74
C GLY A 116 0.65 -9.03 -9.62
N VAL A 117 0.75 -8.23 -10.68
CA VAL A 117 1.90 -8.32 -11.58
C VAL A 117 3.20 -7.99 -10.86
N THR A 118 3.20 -6.87 -10.12
CA THR A 118 4.40 -6.45 -9.42
C THR A 118 4.86 -7.42 -8.33
N VAL A 119 3.93 -7.95 -7.54
CA VAL A 119 4.33 -8.88 -6.48
C VAL A 119 4.83 -10.18 -7.08
N ALA A 120 4.23 -10.59 -8.20
CA ALA A 120 4.67 -11.81 -8.87
C ALA A 120 6.12 -11.60 -9.34
N LEU A 121 6.43 -10.41 -9.83
CA LEU A 121 7.78 -10.12 -10.29
C LEU A 121 8.76 -10.06 -9.12
N LEU A 122 8.31 -9.51 -7.99
CA LEU A 122 9.15 -9.43 -6.81
C LEU A 122 9.43 -10.85 -6.30
N ALA A 123 8.43 -11.71 -6.42
CA ALA A 123 8.55 -13.09 -5.99
C ALA A 123 9.60 -13.82 -6.84
N ILE A 124 9.59 -13.57 -8.15
CA ILE A 124 10.57 -14.19 -9.02
C ILE A 124 11.97 -13.74 -8.58
N TRP A 125 12.13 -12.43 -8.39
CA TRP A 125 13.40 -11.86 -7.95
C TRP A 125 13.91 -12.55 -6.69
N ASP A 126 13.05 -12.65 -5.68
CA ASP A 126 13.43 -13.29 -4.43
C ASP A 126 13.89 -14.74 -4.63
N MET A 127 13.17 -15.46 -5.49
CA MET A 127 13.49 -16.85 -5.77
C MET A 127 14.81 -17.07 -6.52
N VAL A 128 15.26 -16.08 -7.29
CA VAL A 128 16.51 -16.22 -8.04
C VAL A 128 17.64 -15.31 -7.58
N LYS A 129 17.48 -14.68 -6.42
CA LYS A 129 18.52 -13.77 -5.94
C LYS A 129 19.91 -14.39 -5.92
N ALA A 130 19.99 -15.65 -5.51
CA ALA A 130 21.27 -16.36 -5.42
C ALA A 130 22.04 -16.46 -6.74
N VAL A 131 21.33 -16.67 -7.84
CA VAL A 131 21.99 -16.80 -9.13
C VAL A 131 22.09 -15.50 -9.91
N GLU A 132 21.33 -14.49 -9.52
CA GLU A 132 21.35 -13.20 -10.21
C GLU A 132 22.45 -12.25 -9.74
N LYS A 133 22.74 -12.24 -8.44
CA LYS A 133 23.76 -11.34 -7.91
C LYS A 133 25.13 -11.61 -8.49
N ASP A 134 25.99 -10.59 -8.49
CA ASP A 134 27.33 -10.72 -9.02
C ASP A 134 28.31 -11.13 -7.92
N GLU A 135 29.58 -11.29 -8.29
CA GLU A 135 30.61 -11.67 -7.35
C GLU A 135 30.63 -10.73 -6.15
N LYS A 136 30.20 -9.49 -6.37
CA LYS A 136 30.18 -8.48 -5.31
C LYS A 136 28.87 -8.44 -4.53
N GLY A 137 27.98 -9.37 -4.82
CA GLY A 137 26.70 -9.43 -4.12
C GLY A 137 25.70 -8.35 -4.51
N GLN A 138 25.95 -7.67 -5.63
CA GLN A 138 25.03 -6.63 -6.07
C GLN A 138 24.14 -7.16 -7.20
N TYR A 139 23.22 -6.32 -7.66
CA TYR A 139 22.29 -6.71 -8.73
C TYR A 139 22.36 -5.79 -9.93
N PRO A 140 23.40 -5.94 -10.78
CA PRO A 140 23.54 -5.09 -11.97
C PRO A 140 22.79 -5.59 -13.20
N TYR A 141 22.34 -6.84 -13.17
CA TYR A 141 21.62 -7.42 -14.30
C TYR A 141 20.11 -7.50 -14.11
N THR A 142 19.68 -7.45 -12.85
CA THR A 142 18.27 -7.57 -12.52
C THR A 142 17.51 -6.25 -12.42
N ARG A 143 16.34 -6.20 -13.03
CA ARG A 143 15.45 -5.08 -12.82
C ARG A 143 14.06 -5.36 -13.37
N ILE A 144 13.11 -4.66 -12.78
CA ILE A 144 11.71 -4.86 -13.09
C ILE A 144 11.34 -3.67 -13.98
N GLU A 145 10.71 -3.93 -15.12
CA GLU A 145 10.38 -2.83 -16.02
C GLU A 145 9.11 -3.01 -16.84
N ASN A 146 8.75 -1.92 -17.50
CA ASN A 146 7.58 -1.90 -18.36
C ASN A 146 6.34 -2.50 -17.68
N VAL A 147 6.07 -2.04 -16.47
CA VAL A 147 4.90 -2.48 -15.72
C VAL A 147 3.80 -1.52 -16.15
N HIS A 148 2.78 -2.06 -16.83
CA HIS A 148 1.71 -1.22 -17.33
C HIS A 148 0.36 -1.93 -17.41
N VAL A 149 -0.69 -1.15 -17.63
CA VAL A 149 -2.03 -1.69 -17.78
C VAL A 149 -2.26 -1.87 -19.28
N VAL A 150 -2.47 -3.11 -19.70
CA VAL A 150 -2.69 -3.40 -21.11
C VAL A 150 -4.09 -2.93 -21.52
N GLU A 151 -5.06 -3.22 -20.67
CA GLU A 151 -6.44 -2.82 -20.94
C GLU A 151 -7.27 -2.81 -19.67
N LYS A 152 -8.29 -1.96 -19.68
CA LYS A 152 -9.21 -1.86 -18.57
C LYS A 152 -10.60 -1.91 -19.19
N VAL A 153 -11.35 -2.95 -18.85
CA VAL A 153 -12.69 -3.12 -19.39
C VAL A 153 -13.74 -2.85 -18.32
N LYS A 154 -14.80 -2.16 -18.71
CA LYS A 154 -15.91 -1.83 -17.84
C LYS A 154 -17.15 -1.93 -18.72
N THR A 155 -17.91 -3.01 -18.56
CA THR A 155 -19.09 -3.22 -19.38
C THR A 155 -20.38 -3.53 -18.61
N HIS A 156 -21.48 -2.98 -19.10
CA HIS A 156 -22.79 -3.18 -18.49
C HIS A 156 -23.38 -4.54 -18.88
N VAL B 13 -20.01 -16.79 22.22
CA VAL B 13 -19.87 -15.72 21.18
C VAL B 13 -20.04 -16.30 19.78
N LYS B 14 -20.65 -15.51 18.90
CA LYS B 14 -20.89 -15.93 17.52
C LYS B 14 -21.17 -14.71 16.64
N MET B 15 -20.65 -14.75 15.41
CA MET B 15 -20.86 -13.65 14.47
C MET B 15 -22.31 -13.70 13.99
N VAL B 16 -23.16 -12.86 14.59
CA VAL B 16 -24.58 -12.78 14.28
C VAL B 16 -24.90 -12.81 12.79
N GLU B 17 -25.91 -13.60 12.43
CA GLU B 17 -26.34 -13.74 11.05
C GLU B 17 -27.07 -12.50 10.56
N ILE B 18 -26.66 -11.98 9.40
CA ILE B 18 -27.26 -10.80 8.81
C ILE B 18 -27.63 -11.05 7.36
N GLY B 19 -27.35 -12.25 6.87
CA GLY B 19 -27.61 -12.60 5.48
C GLY B 19 -28.99 -12.38 4.91
N TYR B 20 -30.02 -12.51 5.75
CA TYR B 20 -31.40 -12.35 5.30
C TYR B 20 -31.85 -10.90 5.14
N LYS B 21 -31.23 -9.98 5.87
CA LYS B 21 -31.58 -8.57 5.83
C LYS B 21 -31.41 -7.90 4.46
N ASP B 22 -32.06 -6.76 4.28
CA ASP B 22 -31.99 -6.01 3.02
C ASP B 22 -30.73 -5.17 2.92
N VAL B 23 -30.27 -4.97 1.69
CA VAL B 23 -29.10 -4.15 1.43
C VAL B 23 -29.61 -2.71 1.34
N VAL B 24 -29.25 -1.88 2.32
CA VAL B 24 -29.68 -0.48 2.34
C VAL B 24 -28.48 0.43 2.56
N PHE B 25 -28.66 1.71 2.25
CA PHE B 25 -27.59 2.67 2.43
C PHE B 25 -27.34 2.83 3.92
N ARG B 26 -26.06 2.81 4.32
CA ARG B 26 -25.70 2.95 5.72
C ARG B 26 -24.55 3.94 5.87
N LYS B 27 -24.65 4.78 6.88
CA LYS B 27 -23.62 5.77 7.12
C LYS B 27 -23.49 5.99 8.61
N ALA B 28 -22.26 6.19 9.07
CA ALA B 28 -22.03 6.45 10.48
C ALA B 28 -20.92 7.48 10.59
N VAL B 29 -21.08 8.40 11.54
CA VAL B 29 -20.11 9.44 11.77
C VAL B 29 -19.69 9.36 13.23
N ALA B 30 -18.38 9.24 13.44
CA ALA B 30 -17.82 9.16 14.78
C ALA B 30 -16.85 10.33 14.96
N LYS B 31 -16.71 10.78 16.20
CA LYS B 31 -15.82 11.90 16.51
C LYS B 31 -15.01 11.58 17.75
N GLY B 32 -13.85 12.22 17.87
CA GLY B 32 -12.99 12.00 19.01
C GLY B 32 -11.95 13.11 19.08
N ARG B 33 -11.38 13.32 20.24
CA ARG B 33 -10.38 14.37 20.41
C ARG B 33 -9.13 13.88 21.08
N ILE B 34 -8.01 14.52 20.75
CA ILE B 34 -6.75 14.18 21.39
C ILE B 34 -6.25 15.48 22.01
N LYS B 35 -6.08 15.46 23.33
CA LYS B 35 -5.59 16.63 24.06
C LYS B 35 -4.09 16.72 23.85
N LEU B 36 -3.62 17.93 23.54
CA LEU B 36 -2.21 18.17 23.29
C LEU B 36 -1.79 19.51 23.86
N LYS B 37 -0.49 19.73 23.96
CA LYS B 37 0.01 21.01 24.44
C LYS B 37 -0.38 22.00 23.34
N PRO B 38 -0.79 23.22 23.71
CA PRO B 38 -1.16 24.15 22.64
C PRO B 38 0.05 24.39 21.74
N GLU B 39 1.24 24.17 22.28
CA GLU B 39 2.46 24.32 21.51
C GLU B 39 2.45 23.30 20.37
N THR B 40 2.19 22.05 20.71
CA THR B 40 2.15 20.98 19.73
C THR B 40 1.11 21.26 18.66
N VAL B 41 -0.09 21.64 19.08
CA VAL B 41 -1.16 21.94 18.13
C VAL B 41 -0.66 22.98 17.14
N LYS B 42 0.15 23.91 17.63
CA LYS B 42 0.71 24.97 16.81
C LYS B 42 1.62 24.39 15.74
N LEU B 43 2.60 23.60 16.14
CA LEU B 43 3.53 22.98 15.20
C LEU B 43 2.77 22.26 14.10
N ILE B 44 1.75 21.51 14.49
CA ILE B 44 0.92 20.76 13.55
C ILE B 44 0.32 21.63 12.47
N LYS B 45 -0.39 22.69 12.86
CA LYS B 45 -1.02 23.59 11.91
C LYS B 45 0.00 24.20 10.95
N GLU B 46 1.19 24.48 11.46
CA GLU B 46 2.26 25.07 10.65
C GLU B 46 3.04 24.03 9.85
N GLY B 47 2.87 22.77 10.24
CA GLY B 47 3.58 21.69 9.55
C GLY B 47 5.05 21.62 9.93
N LYS B 48 5.34 21.89 11.20
CA LYS B 48 6.71 21.86 11.69
C LYS B 48 7.06 20.60 12.46
N ILE B 49 6.19 19.60 12.43
CA ILE B 49 6.47 18.35 13.12
C ILE B 49 7.50 17.61 12.28
N GLU B 50 8.71 17.51 12.81
CA GLU B 50 9.81 16.89 12.06
C GLU B 50 9.50 15.45 11.61
N LYS B 51 8.70 14.71 12.38
CA LYS B 51 8.36 13.34 11.99
C LYS B 51 7.59 13.30 10.67
N GLY B 52 6.93 14.41 10.32
CA GLY B 52 6.19 14.43 9.07
C GLY B 52 4.81 15.05 9.08
N ASN B 53 4.07 14.80 7.99
CA ASN B 53 2.71 15.30 7.81
C ASN B 53 1.74 14.55 8.73
N VAL B 54 1.46 15.16 9.88
CA VAL B 54 0.59 14.54 10.86
C VAL B 54 -0.82 14.25 10.37
N LEU B 55 -1.48 15.24 9.79
CA LEU B 55 -2.85 15.05 9.33
C LEU B 55 -3.00 14.00 8.21
N ALA B 56 -2.15 14.05 7.20
CA ALA B 56 -2.23 13.09 6.10
C ALA B 56 -2.02 11.67 6.62
N THR B 57 -1.04 11.50 7.50
CA THR B 57 -0.74 10.21 8.10
C THR B 57 -1.96 9.71 8.88
N ALA B 58 -2.58 10.60 9.64
CA ALA B 58 -3.76 10.25 10.42
C ALA B 58 -4.91 9.82 9.52
N GLN B 59 -5.13 10.55 8.43
CA GLN B 59 -6.21 10.19 7.51
C GLN B 59 -5.96 8.82 6.87
N ILE B 60 -4.74 8.61 6.40
CA ILE B 60 -4.40 7.34 5.77
C ILE B 60 -4.52 6.18 6.76
N ALA B 61 -4.06 6.38 7.99
CA ALA B 61 -4.14 5.34 9.00
C ALA B 61 -5.59 5.02 9.32
N GLY B 62 -6.41 6.06 9.46
CA GLY B 62 -7.81 5.85 9.76
C GLY B 62 -8.57 5.15 8.65
N ILE B 63 -8.28 5.53 7.41
CA ILE B 63 -8.95 4.90 6.27
C ILE B 63 -8.57 3.43 6.20
N LEU B 64 -7.28 3.13 6.35
CA LEU B 64 -6.83 1.74 6.30
C LEU B 64 -7.47 0.96 7.45
N ALA B 65 -7.55 1.59 8.62
CA ALA B 65 -8.14 0.95 9.79
C ALA B 65 -9.61 0.59 9.56
N VAL B 66 -10.33 1.47 8.88
CA VAL B 66 -11.74 1.20 8.61
C VAL B 66 -11.86 -0.15 7.89
N LYS B 67 -11.00 -0.34 6.89
CA LYS B 67 -11.01 -1.58 6.13
C LYS B 67 -10.52 -2.77 6.94
N ARG B 68 -9.73 -2.51 7.99
CA ARG B 68 -9.22 -3.60 8.84
C ARG B 68 -10.17 -3.96 9.98
N THR B 69 -11.22 -3.16 10.17
CA THR B 69 -12.17 -3.39 11.26
C THR B 69 -12.60 -4.85 11.47
N PRO B 70 -12.97 -5.56 10.39
CA PRO B 70 -13.38 -6.96 10.59
C PRO B 70 -12.31 -7.89 11.19
N GLU B 71 -11.04 -7.57 11.01
CA GLU B 71 -10.01 -8.42 11.59
C GLU B 71 -9.54 -7.93 12.95
N LEU B 72 -9.98 -6.71 13.32
CA LEU B 72 -9.64 -6.12 14.60
C LEU B 72 -10.73 -6.37 15.64
N ILE B 73 -11.98 -6.28 15.20
CA ILE B 73 -13.12 -6.50 16.10
C ILE B 73 -13.67 -7.87 15.72
N PRO B 74 -13.42 -8.89 16.56
CA PRO B 74 -13.83 -10.29 16.36
C PRO B 74 -15.18 -10.58 15.71
N LEU B 75 -16.25 -9.99 16.23
CA LEU B 75 -17.57 -10.27 15.69
C LEU B 75 -18.10 -9.35 14.59
N CYS B 76 -17.27 -8.45 14.07
CA CYS B 76 -17.71 -7.57 13.00
C CYS B 76 -17.67 -8.32 11.67
N HIS B 77 -18.56 -7.96 10.75
CA HIS B 77 -18.64 -8.61 9.45
C HIS B 77 -17.81 -7.93 8.37
N PRO B 78 -17.46 -8.69 7.31
CA PRO B 78 -16.70 -8.12 6.21
C PRO B 78 -17.75 -7.23 5.55
N ILE B 79 -17.41 -5.98 5.25
CA ILE B 79 -18.37 -5.09 4.64
C ILE B 79 -17.82 -4.38 3.41
N PRO B 80 -18.61 -4.32 2.34
CA PRO B 80 -18.14 -3.64 1.13
C PRO B 80 -18.23 -2.13 1.34
N ILE B 81 -17.24 -1.55 2.03
CA ILE B 81 -17.19 -0.13 2.28
C ILE B 81 -17.05 0.63 0.97
N THR B 82 -17.90 1.63 0.75
CA THR B 82 -17.87 2.38 -0.49
C THR B 82 -17.25 3.78 -0.35
N GLY B 83 -17.09 4.24 0.87
CA GLY B 83 -16.50 5.55 1.07
C GLY B 83 -16.10 5.84 2.51
N VAL B 84 -15.06 6.66 2.66
CA VAL B 84 -14.57 7.03 3.98
C VAL B 84 -13.97 8.43 3.90
N ASP B 85 -14.37 9.29 4.85
CA ASP B 85 -13.84 10.64 4.92
C ASP B 85 -13.40 10.92 6.34
N ILE B 86 -12.18 11.43 6.49
CA ILE B 86 -11.66 11.77 7.80
C ILE B 86 -11.25 13.24 7.76
N THR B 87 -11.85 14.03 8.64
CA THR B 87 -11.57 15.46 8.69
C THR B 87 -11.13 15.89 10.08
N PHE B 88 -10.54 17.09 10.16
CA PHE B 88 -10.03 17.62 11.43
C PHE B 88 -10.59 19.00 11.79
N ASP B 89 -10.55 19.31 13.07
CA ASP B 89 -10.99 20.59 13.61
C ASP B 89 -10.02 20.92 14.72
N PHE B 90 -9.38 22.09 14.64
CA PHE B 90 -8.40 22.48 15.64
C PHE B 90 -8.96 23.27 16.82
N GLY B 91 -8.40 23.00 17.98
CA GLY B 91 -8.78 23.68 19.19
C GLY B 91 -7.52 24.28 19.79
N GLU B 92 -7.66 25.06 20.85
CA GLU B 92 -6.52 25.67 21.49
C GLU B 92 -5.52 24.61 21.95
N ASP B 93 -6.03 23.58 22.61
CA ASP B 93 -5.19 22.51 23.14
C ASP B 93 -5.64 21.11 22.72
N TYR B 94 -6.20 20.99 21.52
CA TYR B 94 -6.67 19.70 21.06
C TYR B 94 -6.95 19.67 19.56
N ILE B 95 -7.09 18.46 19.03
CA ILE B 95 -7.43 18.26 17.63
C ILE B 95 -8.59 17.28 17.61
N GLU B 96 -9.68 17.68 16.98
CA GLU B 96 -10.84 16.83 16.90
C GLU B 96 -10.85 16.13 15.55
N VAL B 97 -11.08 14.81 15.58
CA VAL B 97 -11.11 14.02 14.36
C VAL B 97 -12.52 13.50 14.13
N THR B 98 -12.96 13.57 12.88
CA THR B 98 -14.27 13.07 12.51
C THR B 98 -14.06 12.03 11.42
N CYS B 99 -14.67 10.86 11.58
CA CYS B 99 -14.56 9.81 10.58
C CYS B 99 -15.96 9.44 10.12
N GLU B 100 -16.18 9.50 8.81
CA GLU B 100 -17.46 9.14 8.25
C GLU B 100 -17.27 7.96 7.31
N VAL B 101 -18.06 6.92 7.53
CA VAL B 101 -17.99 5.72 6.72
C VAL B 101 -19.33 5.48 6.05
N ARG B 102 -19.30 5.01 4.81
CA ARG B 102 -20.51 4.74 4.06
C ARG B 102 -20.44 3.39 3.36
N ALA B 103 -21.61 2.78 3.18
CA ALA B 103 -21.72 1.51 2.51
C ALA B 103 -23.17 1.17 2.27
N TYR B 104 -23.41 0.29 1.31
CA TYR B 104 -24.75 -0.18 0.99
C TYR B 104 -24.64 -1.62 1.47
N TYR B 105 -25.23 -1.92 2.63
CA TYR B 105 -25.12 -3.29 3.13
C TYR B 105 -26.18 -3.70 4.16
N LYS B 106 -26.01 -4.91 4.69
CA LYS B 106 -26.95 -5.53 5.64
C LYS B 106 -26.64 -5.24 7.13
N THR B 107 -25.57 -4.52 7.42
CA THR B 107 -25.24 -4.21 8.81
C THR B 107 -24.52 -2.88 8.90
N GLY B 108 -25.05 -2.05 9.81
CA GLY B 108 -24.51 -0.67 9.93
C GLY B 108 -22.96 -0.57 9.96
N VAL B 109 -22.43 0.66 9.96
CA VAL B 109 -20.99 0.84 9.96
C VAL B 109 -20.44 1.69 11.10
N GLU B 110 -21.13 1.74 12.22
CA GLU B 110 -20.67 2.55 13.35
C GLU B 110 -19.33 2.07 13.92
N MET B 111 -19.13 0.76 13.99
CA MET B 111 -17.88 0.24 14.53
C MET B 111 -16.72 0.60 13.60
N GLU B 112 -16.99 0.60 12.30
CA GLU B 112 -15.98 0.96 11.32
C GLU B 112 -15.57 2.43 11.49
N ALA B 113 -16.56 3.29 11.71
CA ALA B 113 -16.29 4.72 11.90
C ALA B 113 -15.55 4.96 13.21
N LEU B 114 -15.92 4.21 14.25
CA LEU B 114 -15.25 4.37 15.54
C LEU B 114 -13.80 3.91 15.40
N THR B 115 -13.59 2.81 14.70
CA THR B 115 -12.24 2.27 14.50
C THR B 115 -11.38 3.26 13.73
N GLY B 116 -11.94 3.84 12.67
CA GLY B 116 -11.19 4.81 11.88
C GLY B 116 -10.79 6.04 12.67
N VAL B 117 -11.71 6.57 13.46
CA VAL B 117 -11.41 7.76 14.26
C VAL B 117 -10.37 7.48 15.35
N THR B 118 -10.49 6.33 16.01
CA THR B 118 -9.54 5.99 17.07
C THR B 118 -8.13 5.76 16.52
N VAL B 119 -8.01 5.06 15.38
CA VAL B 119 -6.70 4.83 14.82
C VAL B 119 -6.10 6.14 14.30
N ALA B 120 -6.95 7.03 13.81
CA ALA B 120 -6.47 8.33 13.32
C ALA B 120 -5.88 9.10 14.50
N LEU B 121 -6.59 9.07 15.63
CA LEU B 121 -6.14 9.77 16.83
C LEU B 121 -4.83 9.15 17.34
N LEU B 122 -4.73 7.83 17.29
CA LEU B 122 -3.52 7.15 17.72
C LEU B 122 -2.35 7.52 16.81
N ALA B 123 -2.63 7.69 15.51
CA ALA B 123 -1.57 8.05 14.56
C ALA B 123 -1.04 9.45 14.87
N ILE B 124 -1.93 10.37 15.22
CA ILE B 124 -1.51 11.72 15.57
C ILE B 124 -0.58 11.63 16.79
N TRP B 125 -1.01 10.87 17.80
CA TRP B 125 -0.22 10.70 19.01
C TRP B 125 1.18 10.20 18.64
N ASP B 126 1.25 9.15 17.83
CA ASP B 126 2.53 8.61 17.43
C ASP B 126 3.39 9.66 16.73
N MET B 127 2.75 10.46 15.88
CA MET B 127 3.46 11.48 15.13
C MET B 127 4.03 12.61 15.97
N VAL B 128 3.38 12.94 17.08
CA VAL B 128 3.86 14.03 17.94
C VAL B 128 4.39 13.60 19.31
N LYS B 129 4.60 12.30 19.51
CA LYS B 129 5.09 11.79 20.79
C LYS B 129 6.34 12.48 21.31
N ALA B 130 7.30 12.75 20.42
CA ALA B 130 8.56 13.39 20.81
C ALA B 130 8.40 14.79 21.40
N VAL B 131 7.38 15.51 20.96
CA VAL B 131 7.16 16.87 21.46
C VAL B 131 6.15 16.91 22.60
N GLU B 132 5.34 15.86 22.74
CA GLU B 132 4.35 15.80 23.79
C GLU B 132 4.93 15.29 25.11
N LYS B 133 5.92 14.41 25.01
CA LYS B 133 6.55 13.85 26.20
C LYS B 133 7.17 14.93 27.08
N ASP B 134 7.22 14.67 28.39
CA ASP B 134 7.80 15.64 29.32
C ASP B 134 9.26 15.26 29.58
N GLU B 135 9.88 15.92 30.54
CA GLU B 135 11.27 15.66 30.88
C GLU B 135 11.51 14.22 31.34
N LYS B 136 10.50 13.60 31.93
CA LYS B 136 10.60 12.22 32.39
C LYS B 136 10.18 11.23 31.31
N GLY B 137 9.89 11.74 30.12
CA GLY B 137 9.48 10.89 29.02
C GLY B 137 8.07 10.36 29.17
N GLN B 138 7.26 11.00 30.01
CA GLN B 138 5.88 10.58 30.22
C GLN B 138 4.93 11.45 29.40
N TYR B 139 3.65 11.12 29.44
CA TYR B 139 2.62 11.87 28.69
C TYR B 139 1.54 12.37 29.64
N PRO B 140 1.84 13.39 30.44
CA PRO B 140 0.87 13.96 31.39
C PRO B 140 -0.14 14.93 30.77
N TYR B 141 0.15 15.40 29.56
CA TYR B 141 -0.73 16.36 28.88
C TYR B 141 -1.52 15.74 27.72
N THR B 142 -1.13 14.53 27.34
CA THR B 142 -1.77 13.85 26.21
C THR B 142 -2.83 12.84 26.60
N ARG B 143 -3.93 12.85 25.85
CA ARG B 143 -5.01 11.90 26.07
C ARG B 143 -6.06 11.98 24.97
N ILE B 144 -6.72 10.86 24.74
CA ILE B 144 -7.77 10.77 23.73
C ILE B 144 -9.08 10.76 24.49
N GLU B 145 -10.01 11.62 24.08
CA GLU B 145 -11.28 11.70 24.78
C GLU B 145 -12.52 11.89 23.93
N ASN B 146 -13.67 11.72 24.59
CA ASN B 146 -14.96 11.87 23.97
C ASN B 146 -15.07 11.25 22.57
N VAL B 147 -14.72 9.97 22.47
CA VAL B 147 -14.81 9.24 21.21
C VAL B 147 -16.24 8.71 21.24
N HIS B 148 -17.05 9.15 20.28
CA HIS B 148 -18.45 8.74 20.24
C HIS B 148 -19.02 8.73 18.83
N VAL B 149 -20.19 8.11 18.70
CA VAL B 149 -20.88 8.03 17.42
C VAL B 149 -21.77 9.28 17.32
N VAL B 150 -21.43 10.17 16.40
CA VAL B 150 -22.22 11.39 16.23
C VAL B 150 -23.58 11.01 15.67
N GLU B 151 -23.60 10.12 14.69
CA GLU B 151 -24.87 9.71 14.10
C GLU B 151 -24.73 8.38 13.34
N LYS B 152 -25.81 7.61 13.34
CA LYS B 152 -25.85 6.35 12.63
C LYS B 152 -27.07 6.39 11.72
N VAL B 153 -26.83 6.34 10.42
CA VAL B 153 -27.90 6.37 9.43
C VAL B 153 -28.12 4.98 8.83
N LYS B 154 -29.38 4.56 8.81
CA LYS B 154 -29.76 3.27 8.27
C LYS B 154 -31.09 3.43 7.55
N THR B 155 -31.05 3.37 6.23
CA THR B 155 -32.27 3.51 5.42
C THR B 155 -33.16 2.30 5.63
N HIS B 156 -34.47 2.54 5.74
CA HIS B 156 -35.43 1.54 5.87
C HIS B 156 -35.85 1.66 4.49
N ASN B 157 -35.80 0.56 3.84
CA ASN B 157 -36.09 0.50 2.43
C ASN B 157 -37.58 0.23 2.32
N VAL C 13 10.45 -25.92 -2.80
CA VAL C 13 10.52 -24.55 -2.22
C VAL C 13 10.54 -24.63 -0.69
N LYS C 14 11.43 -23.86 -0.07
CA LYS C 14 11.57 -23.86 1.38
C LYS C 14 12.12 -22.53 1.89
N MET C 15 11.79 -22.14 3.12
CA MET C 15 12.32 -20.89 3.66
C MET C 15 13.73 -21.19 4.16
N VAL C 16 14.73 -20.76 3.39
CA VAL C 16 16.14 -20.99 3.71
C VAL C 16 16.57 -20.60 5.11
N GLU C 17 17.28 -21.53 5.76
CA GLU C 17 17.77 -21.32 7.12
C GLU C 17 18.83 -20.23 7.20
N ILE C 18 18.64 -19.28 8.11
CA ILE C 18 19.59 -18.18 8.28
C ILE C 18 19.98 -18.00 9.75
N GLY C 19 19.40 -18.83 10.62
CA GLY C 19 19.66 -18.73 12.04
C GLY C 19 21.10 -18.78 12.52
N TYR C 20 21.94 -19.53 11.82
CA TYR C 20 23.34 -19.68 12.20
C TYR C 20 24.21 -18.46 11.86
N LYS C 21 23.74 -17.60 10.98
CA LYS C 21 24.48 -16.43 10.54
C LYS C 21 24.65 -15.34 11.61
N ASP C 22 25.66 -14.49 11.42
CA ASP C 22 25.95 -13.40 12.33
C ASP C 22 24.93 -12.28 12.18
N VAL C 23 24.73 -11.52 13.25
CA VAL C 23 23.82 -10.39 13.22
C VAL C 23 24.68 -9.20 12.86
N VAL C 24 24.47 -8.65 11.67
CA VAL C 24 25.23 -7.50 11.22
C VAL C 24 24.30 -6.41 10.73
N PHE C 25 24.81 -5.18 10.66
CA PHE C 25 24.00 -4.07 10.18
C PHE C 25 23.78 -4.29 8.70
N ARG C 26 22.53 -4.17 8.27
CA ARG C 26 22.17 -4.36 6.88
C ARG C 26 21.47 -3.11 6.36
N LYS C 27 21.78 -2.74 5.12
CA LYS C 27 21.16 -1.58 4.52
C LYS C 27 20.99 -1.89 3.04
N ALA C 28 19.86 -1.48 2.48
CA ALA C 28 19.59 -1.71 1.06
C ALA C 28 18.84 -0.52 0.50
N VAL C 29 19.21 -0.13 -0.72
CA VAL C 29 18.56 0.99 -1.38
C VAL C 29 18.02 0.54 -2.72
N ALA C 30 16.74 0.80 -2.95
CA ALA C 30 16.10 0.45 -4.21
C ALA C 30 15.53 1.74 -4.78
N LYS C 31 15.44 1.81 -6.11
CA LYS C 31 14.90 2.98 -6.78
C LYS C 31 13.96 2.50 -7.88
N GLY C 32 13.02 3.35 -8.25
CA GLY C 32 12.08 3.02 -9.31
C GLY C 32 11.42 4.30 -9.79
N ARG C 33 10.85 4.26 -10.99
CA ARG C 33 10.19 5.43 -11.54
C ARG C 33 8.81 5.13 -12.09
N ILE C 34 7.95 6.15 -12.07
CA ILE C 34 6.63 6.00 -12.65
C ILE C 34 6.55 7.12 -13.69
N LYS C 35 6.27 6.73 -14.93
CA LYS C 35 6.14 7.69 -16.03
C LYS C 35 4.75 8.28 -15.96
N LEU C 36 4.69 9.61 -15.89
CA LEU C 36 3.44 10.34 -15.80
C LEU C 36 3.40 11.46 -16.82
N LYS C 37 2.21 11.99 -17.08
CA LYS C 37 2.09 13.10 -18.02
C LYS C 37 2.74 14.29 -17.33
N PRO C 38 3.41 15.16 -18.10
CA PRO C 38 4.04 16.33 -17.46
C PRO C 38 3.04 17.14 -16.64
N GLU C 39 1.79 17.21 -17.10
CA GLU C 39 0.76 17.97 -16.39
C GLU C 39 0.44 17.33 -15.04
N THR C 40 0.58 16.01 -14.98
CA THR C 40 0.30 15.27 -13.76
C THR C 40 1.41 15.55 -12.74
N VAL C 41 2.65 15.53 -13.20
CA VAL C 41 3.78 15.80 -12.31
C VAL C 41 3.60 17.19 -11.70
N LYS C 42 3.14 18.14 -12.52
CA LYS C 42 2.92 19.50 -12.05
C LYS C 42 1.82 19.57 -11.00
N LEU C 43 0.70 18.90 -11.25
CA LEU C 43 -0.40 18.90 -10.29
C LEU C 43 0.07 18.35 -8.93
N ILE C 44 0.93 17.34 -8.97
CA ILE C 44 1.45 16.76 -7.73
C ILE C 44 2.32 17.81 -7.02
N LYS C 45 3.32 18.33 -7.72
CA LYS C 45 4.21 19.36 -7.21
C LYS C 45 3.42 20.50 -6.55
N GLU C 46 2.28 20.81 -7.15
CA GLU C 46 1.46 21.92 -6.69
C GLU C 46 0.38 21.51 -5.69
N GLY C 47 0.31 20.23 -5.37
CA GLY C 47 -0.70 19.75 -4.44
C GLY C 47 -2.10 20.03 -4.96
N LYS C 48 -2.33 19.74 -6.22
CA LYS C 48 -3.62 19.98 -6.85
C LYS C 48 -4.34 18.70 -7.27
N ILE C 49 -3.85 17.55 -6.80
CA ILE C 49 -4.48 16.28 -7.12
C ILE C 49 -5.65 16.13 -6.16
N GLU C 50 -6.85 16.03 -6.71
CA GLU C 50 -8.06 15.90 -5.92
C GLU C 50 -8.07 14.76 -4.91
N LYS C 51 -7.52 13.62 -5.29
CA LYS C 51 -7.52 12.47 -4.39
C LYS C 51 -6.70 12.73 -3.13
N GLY C 52 -5.79 13.70 -3.17
CA GLY C 52 -5.03 13.99 -1.96
C GLY C 52 -3.53 14.17 -2.08
N ASN C 53 -2.87 14.16 -0.93
CA ASN C 53 -1.42 14.33 -0.84
C ASN C 53 -0.75 13.08 -1.39
N VAL C 54 -0.37 13.15 -2.65
CA VAL C 54 0.26 12.04 -3.34
C VAL C 54 1.56 11.53 -2.70
N LEU C 55 2.48 12.43 -2.41
CA LEU C 55 3.77 12.01 -1.84
C LEU C 55 3.70 11.42 -0.43
N ALA C 56 2.88 12.01 0.43
CA ALA C 56 2.75 11.51 1.80
C ALA C 56 2.10 10.13 1.77
N THR C 57 1.13 9.96 0.87
CA THR C 57 0.44 8.68 0.74
C THR C 57 1.39 7.60 0.23
N ALA C 58 2.21 7.94 -0.75
CA ALA C 58 3.17 7.00 -1.32
C ALA C 58 4.20 6.62 -0.26
N GLN C 59 4.61 7.59 0.55
CA GLN C 59 5.59 7.34 1.60
C GLN C 59 5.04 6.34 2.62
N ILE C 60 3.81 6.57 3.07
CA ILE C 60 3.16 5.70 4.05
C ILE C 60 2.93 4.31 3.46
N ALA C 61 2.41 4.26 2.23
CA ALA C 61 2.16 2.98 1.59
C ALA C 61 3.45 2.18 1.52
N GLY C 62 4.53 2.86 1.14
CA GLY C 62 5.81 2.20 1.02
C GLY C 62 6.36 1.68 2.35
N ILE C 63 6.26 2.51 3.39
CA ILE C 63 6.75 2.16 4.71
C ILE C 63 5.97 0.96 5.26
N LEU C 64 4.65 0.97 5.09
CA LEU C 64 3.84 -0.14 5.57
C LEU C 64 4.17 -1.40 4.74
N ALA C 65 4.43 -1.22 3.45
CA ALA C 65 4.76 -2.34 2.59
C ALA C 65 6.05 -3.03 3.02
N VAL C 66 7.04 -2.23 3.40
CA VAL C 66 8.30 -2.79 3.87
C VAL C 66 8.00 -3.78 5.00
N LYS C 67 7.21 -3.33 5.97
CA LYS C 67 6.84 -4.18 7.09
C LYS C 67 5.98 -5.39 6.70
N ARG C 68 5.32 -5.32 5.55
CA ARG C 68 4.46 -6.40 5.05
C ARG C 68 5.21 -7.39 4.14
N THR C 69 6.45 -7.08 3.80
CA THR C 69 7.23 -7.92 2.89
C THR C 69 7.16 -9.43 3.13
N PRO C 70 7.37 -9.89 4.38
CA PRO C 70 7.30 -11.34 4.61
C PRO C 70 5.92 -11.98 4.34
N GLU C 71 4.85 -11.19 4.40
CA GLU C 71 3.50 -11.69 4.15
C GLU C 71 3.22 -11.76 2.65
N LEU C 72 3.92 -10.93 1.87
CA LEU C 72 3.73 -10.86 0.43
C LEU C 72 4.67 -11.76 -0.39
N ILE C 73 5.93 -11.81 0.00
CA ILE C 73 6.91 -12.63 -0.70
C ILE C 73 7.11 -13.89 0.13
N PRO C 74 6.59 -15.02 -0.37
CA PRO C 74 6.62 -16.35 0.26
C PRO C 74 7.83 -16.75 1.10
N LEU C 75 9.01 -16.75 0.50
CA LEU C 75 10.21 -17.19 1.21
C LEU C 75 10.98 -16.15 1.99
N CYS C 76 10.45 -14.94 2.11
CA CYS C 76 11.14 -13.90 2.88
C CYS C 76 10.95 -14.14 4.38
N HIS C 77 11.97 -13.80 5.15
CA HIS C 77 11.95 -13.99 6.60
C HIS C 77 11.44 -12.77 7.32
N PRO C 78 10.86 -12.97 8.52
CA PRO C 78 10.37 -11.81 9.26
C PRO C 78 11.65 -11.13 9.74
N ILE C 79 11.72 -9.81 9.64
CA ILE C 79 12.92 -9.08 10.01
C ILE C 79 12.67 -7.86 10.88
N PRO C 80 13.49 -7.69 11.92
CA PRO C 80 13.33 -6.53 12.82
C PRO C 80 13.81 -5.24 12.13
N ILE C 81 13.00 -4.71 11.22
CA ILE C 81 13.34 -3.48 10.50
C ILE C 81 13.57 -2.34 11.48
N THR C 82 14.72 -1.66 11.36
CA THR C 82 15.01 -0.57 12.29
C THR C 82 14.80 0.82 11.69
N GLY C 83 14.64 0.90 10.38
CA GLY C 83 14.43 2.19 9.76
C GLY C 83 14.10 2.10 8.29
N VAL C 84 13.35 3.07 7.80
CA VAL C 84 12.95 3.13 6.40
C VAL C 84 12.81 4.59 5.99
N ASP C 85 13.40 4.94 4.86
CA ASP C 85 13.32 6.29 4.34
C ASP C 85 12.85 6.18 2.90
N ILE C 86 11.82 6.95 2.56
CA ILE C 86 11.32 6.95 1.19
C ILE C 86 11.36 8.38 0.70
N THR C 87 12.10 8.60 -0.39
CA THR C 87 12.26 9.93 -0.95
C THR C 87 11.93 9.98 -2.43
N PHE C 88 11.66 11.20 -2.91
CA PHE C 88 11.28 11.42 -4.29
C PHE C 88 12.17 12.38 -5.06
N ASP C 89 12.22 12.17 -6.37
CA ASP C 89 12.98 13.02 -7.29
C ASP C 89 12.04 13.24 -8.46
N PHE C 90 11.80 14.50 -8.79
CA PHE C 90 10.90 14.87 -9.87
C PHE C 90 11.59 15.06 -11.21
N GLY C 91 11.00 14.47 -12.23
CA GLY C 91 11.52 14.61 -13.58
C GLY C 91 10.43 15.37 -14.31
N GLU C 92 10.65 15.68 -15.58
CA GLU C 92 9.66 16.42 -16.37
C GLU C 92 8.38 15.59 -16.55
N ASP C 93 8.56 14.30 -16.78
CA ASP C 93 7.43 13.39 -17.00
C ASP C 93 7.54 12.11 -16.19
N TYR C 94 8.04 12.23 -14.96
CA TYR C 94 8.17 11.06 -14.10
C TYR C 94 8.53 11.45 -12.68
N ILE C 95 8.38 10.50 -11.77
CA ILE C 95 8.75 10.68 -10.39
C ILE C 95 9.55 9.45 -10.02
N GLU C 96 10.75 9.67 -9.51
CA GLU C 96 11.61 8.57 -9.12
C GLU C 96 11.51 8.42 -7.60
N VAL C 97 11.24 7.21 -7.16
CA VAL C 97 11.12 6.93 -5.74
C VAL C 97 12.33 6.13 -5.29
N THR C 98 12.86 6.48 -4.13
CA THR C 98 14.01 5.80 -3.55
C THR C 98 13.58 5.29 -2.19
N CYS C 99 13.82 4.00 -1.93
CA CYS C 99 13.48 3.43 -0.64
C CYS C 99 14.73 2.84 -0.02
N GLU C 100 15.09 3.31 1.16
CA GLU C 100 16.26 2.77 1.85
C GLU C 100 15.75 2.07 3.09
N VAL C 101 16.18 0.82 3.29
CA VAL C 101 15.76 0.02 4.42
C VAL C 101 16.99 -0.41 5.21
N ARG C 102 16.86 -0.43 6.54
CA ARG C 102 17.96 -0.82 7.41
C ARG C 102 17.51 -1.80 8.48
N ALA C 103 18.43 -2.64 8.92
CA ALA C 103 18.15 -3.61 9.96
C ALA C 103 19.46 -4.19 10.48
N TYR C 104 19.41 -4.72 11.69
CA TYR C 104 20.56 -5.36 12.30
C TYR C 104 20.11 -6.80 12.40
N TYR C 105 20.36 -7.57 11.36
CA TYR C 105 19.90 -8.95 11.35
C TYR C 105 20.77 -9.92 10.54
N LYS C 106 20.26 -11.15 10.39
CA LYS C 106 20.97 -12.23 9.71
C LYS C 106 20.77 -12.38 8.20
N THR C 107 19.86 -11.60 7.62
CA THR C 107 19.64 -11.69 6.17
C THR C 107 19.31 -10.31 5.61
N GLY C 108 20.04 -9.93 4.55
CA GLY C 108 19.93 -8.62 3.88
C GLY C 108 18.49 -8.09 3.77
N VAL C 109 18.36 -6.86 3.25
CA VAL C 109 17.03 -6.28 3.12
C VAL C 109 16.69 -5.71 1.73
N GLU C 110 17.26 -6.28 0.67
CA GLU C 110 16.97 -5.77 -0.66
C GLU C 110 15.52 -6.03 -1.09
N MET C 111 14.97 -7.19 -0.73
CA MET C 111 13.59 -7.47 -1.11
C MET C 111 12.63 -6.52 -0.41
N GLU C 112 12.96 -6.14 0.82
CA GLU C 112 12.13 -5.21 1.58
C GLU C 112 12.17 -3.83 0.93
N ALA C 113 13.36 -3.42 0.48
CA ALA C 113 13.51 -2.11 -0.17
C ALA C 113 12.79 -2.07 -1.52
N LEU C 114 12.83 -3.17 -2.25
CA LEU C 114 12.16 -3.26 -3.54
C LEU C 114 10.64 -3.25 -3.35
N THR C 115 10.18 -3.93 -2.31
CA THR C 115 8.75 -3.98 -2.02
C THR C 115 8.27 -2.58 -1.66
N GLY C 116 9.06 -1.88 -0.86
CA GLY C 116 8.70 -0.54 -0.46
C GLY C 116 8.64 0.42 -1.64
N VAL C 117 9.65 0.35 -2.51
CA VAL C 117 9.66 1.24 -3.66
C VAL C 117 8.49 0.92 -4.60
N THR C 118 8.22 -0.37 -4.79
CA THR C 118 7.14 -0.82 -5.67
C THR C 118 5.76 -0.36 -5.22
N VAL C 119 5.43 -0.56 -3.95
CA VAL C 119 4.13 -0.18 -3.46
C VAL C 119 3.98 1.33 -3.42
N ALA C 120 5.07 2.06 -3.16
CA ALA C 120 5.03 3.51 -3.15
C ALA C 120 4.64 3.99 -4.55
N LEU C 121 5.22 3.38 -5.58
CA LEU C 121 4.93 3.75 -6.96
C LEU C 121 3.48 3.41 -7.32
N LEU C 122 3.01 2.26 -6.87
CA LEU C 122 1.63 1.84 -7.14
C LEU C 122 0.66 2.81 -6.48
N ALA C 123 1.02 3.29 -5.29
CA ALA C 123 0.18 4.21 -4.55
C ALA C 123 0.11 5.54 -5.30
N ILE C 124 1.22 5.96 -5.90
CA ILE C 124 1.21 7.20 -6.67
C ILE C 124 0.25 7.01 -7.85
N TRP C 125 0.38 5.88 -8.54
CA TRP C 125 -0.50 5.58 -9.67
C TRP C 125 -1.97 5.66 -9.23
N ASP C 126 -2.29 5.00 -8.13
CA ASP C 126 -3.67 5.03 -7.64
C ASP C 126 -4.15 6.45 -7.34
N MET C 127 -3.30 7.25 -6.71
CA MET C 127 -3.67 8.62 -6.36
C MET C 127 -3.89 9.52 -7.57
N VAL C 128 -3.29 9.15 -8.71
CA VAL C 128 -3.33 10.00 -9.92
C VAL C 128 -4.18 9.40 -11.07
N LYS C 129 -4.77 8.22 -10.87
CA LYS C 129 -5.48 7.55 -11.96
C LYS C 129 -6.49 8.43 -12.71
N ALA C 130 -7.16 9.34 -12.01
CA ALA C 130 -8.15 10.19 -12.65
C ALA C 130 -7.60 11.16 -13.69
N VAL C 131 -6.36 11.62 -13.52
CA VAL C 131 -5.78 12.53 -14.50
C VAL C 131 -4.85 11.83 -15.49
N GLU C 132 -4.43 10.61 -15.16
CA GLU C 132 -3.57 9.83 -16.05
C GLU C 132 -4.33 9.05 -17.12
N LYS C 133 -5.57 8.67 -16.82
CA LYS C 133 -6.36 7.92 -17.79
C LYS C 133 -6.70 8.78 -19.00
N ASP C 134 -7.08 8.14 -20.10
CA ASP C 134 -7.46 8.89 -21.29
C ASP C 134 -8.98 8.87 -21.42
N GLU C 135 -9.52 9.47 -22.47
CA GLU C 135 -10.97 9.53 -22.67
C GLU C 135 -11.61 8.15 -22.71
N LYS C 136 -10.81 7.14 -23.04
CA LYS C 136 -11.29 5.76 -23.10
C LYS C 136 -11.08 5.02 -21.79
N GLY C 137 -10.68 5.74 -20.75
CA GLY C 137 -10.45 5.13 -19.45
C GLY C 137 -9.23 4.23 -19.38
N GLN C 138 -8.36 4.32 -20.38
CA GLN C 138 -7.15 3.51 -20.44
C GLN C 138 -5.95 4.29 -19.92
N TYR C 139 -4.81 3.61 -19.81
CA TYR C 139 -3.57 4.23 -19.32
C TYR C 139 -2.45 4.02 -20.35
N PRO C 140 -2.63 4.56 -21.56
CA PRO C 140 -1.64 4.43 -22.64
C PRO C 140 -0.25 4.96 -22.29
N TYR C 141 -0.19 5.99 -21.46
CA TYR C 141 1.09 6.61 -21.13
C TYR C 141 1.72 6.29 -19.78
N THR C 142 0.94 5.73 -18.86
CA THR C 142 1.46 5.44 -17.53
C THR C 142 2.18 4.10 -17.40
N ARG C 143 3.30 4.11 -16.70
CA ARG C 143 4.01 2.88 -16.46
C ARG C 143 5.08 3.02 -15.39
N ILE C 144 5.38 1.88 -14.77
CA ILE C 144 6.39 1.82 -13.72
C ILE C 144 7.58 1.15 -14.36
N GLU C 145 8.76 1.71 -14.18
CA GLU C 145 9.95 1.15 -14.80
C GLU C 145 11.25 1.36 -14.04
N ASN C 146 12.28 0.68 -14.53
CA ASN C 146 13.61 0.75 -13.95
C ASN C 146 13.61 0.58 -12.43
N VAL C 147 12.90 -0.44 -11.95
CA VAL C 147 12.87 -0.73 -10.53
C VAL C 147 14.09 -1.60 -10.29
N HIS C 148 15.06 -1.09 -9.53
CA HIS C 148 16.29 -1.83 -9.30
C HIS C 148 16.91 -1.60 -7.92
N VAL C 149 17.85 -2.45 -7.56
CA VAL C 149 18.56 -2.32 -6.29
C VAL C 149 19.78 -1.44 -6.56
N VAL C 150 19.84 -0.29 -5.92
CA VAL C 150 20.95 0.64 -6.09
C VAL C 150 22.17 0.07 -5.39
N GLU C 151 21.95 -0.46 -4.19
CA GLU C 151 23.04 -1.04 -3.41
C GLU C 151 22.55 -1.85 -2.22
N LYS C 152 23.39 -2.80 -1.82
CA LYS C 152 23.11 -3.67 -0.69
C LYS C 152 24.38 -3.61 0.16
N VAL C 153 24.23 -3.21 1.42
CA VAL C 153 25.38 -3.09 2.32
C VAL C 153 25.22 -3.90 3.60
N LYS C 154 26.35 -4.34 4.14
CA LYS C 154 26.40 -5.10 5.36
C LYS C 154 27.65 -4.69 6.15
N THR C 155 27.47 -4.24 7.38
CA THR C 155 28.61 -3.83 8.17
C THR C 155 28.62 -4.55 9.54
N HIS C 156 29.82 -4.80 10.02
CA HIS C 156 30.04 -5.51 11.28
C HIS C 156 30.30 -4.51 12.40
N ASN C 157 31.13 -3.51 12.12
CA ASN C 157 31.48 -2.49 13.09
C ASN C 157 30.50 -1.32 13.08
#